data_6APX
#
_entry.id   6APX
#
_cell.length_a   105.802
_cell.length_b   105.802
_cell.length_c   181.463
_cell.angle_alpha   90.00
_cell.angle_beta   90.00
_cell.angle_gamma   90.00
#
_symmetry.space_group_name_H-M   'P 43 21 2'
#
loop_
_entity.id
_entity.type
_entity.pdbx_description
1 polymer 'Maltose-binding periplasmic protein,Dual specificity protein phosphatase 1'
2 polymer 'Monobody YSX1'
3 non-polymer 'SULFATE ION'
4 non-polymer GLYCEROL
5 water water
#
loop_
_entity_poly.entity_id
_entity_poly.type
_entity_poly.pdbx_seq_one_letter_code
_entity_poly.pdbx_strand_id
1 'polypeptide(L)'
;MKIEEGKLVIWINGDKGYNGLAEVGKKFEKDTGIKVTVEHPDKLEEKFPQVAATGDGPDIIFWAHDRFGGYAQSGLLAEI
TPAAAFQDKLYPFTWDAVRYNGKLIAYPIAVEALSLIYNKDLLPNPPKTWEEIPALDKELKAKGKSALMFNLQEPYFTWP
LIAADGGYAFKYAAGKYDIKDVGVDNAGAKAGLTFLVDLIKNKHMNADTDYSIAEAAFNKGETAMTINGPWAWSNIDTSA
VNYGVTVLPTFKGQPSKPFVGVLSAGINAASPNKELAKEFLENYLLTDEGLEAVNKDKPLGAVALKSYEEELAKDPRIAA
TMENAQKGEIMPNIPQMSAFWYAVRTAVINAASGRQTVDAALAAAQTNAAAGGPVEILPFLYLGSAYHASRKDMLDALGI
TALINVSANCPNHFEGHYQYKSIPVEDNHKADISSWFNEAIDFIDSIKNAGGRVFVHSQAGISRSATICLAYLMRTNRVK
LDEAFEFVKQRRSIISPNFSFMGQLLQFESQVLAHHHHHH
;
A
2 'polypeptide(L)'
;MKGSSVPTNLEVVAATPTSLLISWDAYSSSYYVYYYRITYGETGGNSPVQEFTVPGSKSTATISGLKPGVDYTITVYAGH
YLYGLLSSPISINYRT
;
B
#
# COMPACT_ATOMS: atom_id res chain seq x y z
N ILE A 3 -3.29 -28.77 6.40
CA ILE A 3 -4.61 -29.36 6.56
C ILE A 3 -4.88 -29.52 8.07
N GLU A 4 -5.04 -30.76 8.54
CA GLU A 4 -5.13 -31.11 9.96
C GLU A 4 -6.39 -30.63 10.67
N GLU A 5 -6.45 -30.84 11.98
CA GLU A 5 -7.58 -30.40 12.82
C GLU A 5 -7.07 -29.80 14.13
N LEU A 8 -6.10 -26.50 15.90
CA LEU A 8 -5.85 -25.08 15.64
C LEU A 8 -4.34 -24.75 15.58
N VAL A 9 -3.88 -24.30 14.42
CA VAL A 9 -2.51 -23.83 14.22
C VAL A 9 -2.54 -22.34 13.90
N ILE A 10 -1.80 -21.55 14.68
CA ILE A 10 -1.91 -20.09 14.68
C ILE A 10 -0.60 -19.49 14.18
N TRP A 11 -0.72 -18.61 13.18
CA TRP A 11 0.43 -17.94 12.56
C TRP A 11 0.49 -16.49 13.04
N ILE A 12 1.68 -16.07 13.48
CA ILE A 12 1.91 -14.72 13.97
C ILE A 12 3.33 -14.33 13.57
N ASN A 13 3.56 -13.05 13.39
CA ASN A 13 4.93 -12.68 13.08
C ASN A 13 5.78 -12.69 14.36
N GLY A 14 7.09 -12.85 14.16
CA GLY A 14 8.04 -13.01 15.24
C GLY A 14 8.36 -11.75 16.03
N ASP A 15 8.03 -10.58 15.48
CA ASP A 15 8.22 -9.33 16.20
C ASP A 15 7.36 -9.23 17.45
N LYS A 16 6.37 -10.11 17.62
CA LYS A 16 5.32 -9.95 18.62
C LYS A 16 5.44 -11.01 19.71
N GLY A 17 4.52 -10.93 20.67
CA GLY A 17 4.50 -11.83 21.80
C GLY A 17 3.88 -13.19 21.51
N TYR A 18 4.58 -14.01 20.72
CA TYR A 18 4.04 -15.32 20.36
C TYR A 18 4.11 -16.31 21.51
N ASN A 19 5.16 -16.23 22.34
CA ASN A 19 5.25 -17.08 23.52
C ASN A 19 4.09 -16.79 24.47
N GLY A 20 3.85 -15.50 24.76
CA GLY A 20 2.72 -15.16 25.62
C GLY A 20 1.41 -15.67 25.05
N LEU A 21 1.29 -15.65 23.71
CA LEU A 21 0.12 -16.23 23.04
C LEU A 21 0.10 -17.74 23.14
N ALA A 22 1.27 -18.37 23.15
CA ALA A 22 1.34 -19.79 23.45
C ALA A 22 0.74 -20.09 24.82
N GLU A 23 1.03 -19.24 25.81
CA GLU A 23 0.45 -19.40 27.14
C GLU A 23 -1.08 -19.40 27.07
N VAL A 24 -1.66 -18.34 26.50
CA VAL A 24 -3.08 -18.35 26.20
C VAL A 24 -3.29 -19.29 25.02
N GLY A 25 -3.18 -20.58 25.27
CA GLY A 25 -3.19 -21.59 24.22
C GLY A 25 -2.82 -22.91 24.85
N LYS A 26 -2.03 -22.81 25.92
CA LYS A 26 -2.01 -23.86 26.93
C LYS A 26 -3.21 -23.71 27.86
N LYS A 27 -3.40 -22.49 28.41
CA LYS A 27 -4.61 -22.20 29.18
C LYS A 27 -5.86 -22.51 28.38
N PHE A 28 -5.75 -22.53 27.05
CA PHE A 28 -6.82 -23.07 26.22
C PHE A 28 -6.93 -24.58 26.42
N GLU A 29 -5.81 -25.30 26.23
CA GLU A 29 -5.83 -26.76 26.22
C GLU A 29 -6.35 -27.31 27.54
N LYS A 30 -5.83 -26.80 28.66
CA LYS A 30 -6.27 -27.22 29.99
C LYS A 30 -7.76 -26.97 30.22
N ASP A 31 -8.43 -26.35 29.23
CA ASP A 31 -9.87 -26.15 29.25
C ASP A 31 -10.60 -26.93 28.17
N THR A 32 -9.96 -27.17 27.02
CA THR A 32 -10.60 -27.83 25.89
C THR A 32 -10.06 -29.21 25.59
N GLY A 33 -8.81 -29.47 25.90
CA GLY A 33 -8.12 -30.64 25.36
C GLY A 33 -7.49 -30.37 24.01
N ILE A 34 -8.25 -29.79 23.08
CA ILE A 34 -7.74 -29.47 21.75
C ILE A 34 -6.50 -28.59 21.85
N LYS A 35 -5.50 -28.88 21.02
CA LYS A 35 -4.20 -28.24 21.11
C LYS A 35 -4.09 -27.08 20.13
N VAL A 36 -3.38 -26.03 20.56
CA VAL A 36 -3.08 -24.88 19.72
C VAL A 36 -1.57 -24.74 19.68
N THR A 37 -1.01 -24.73 18.47
CA THR A 37 0.43 -24.52 18.25
C THR A 37 0.65 -23.19 17.56
N VAL A 38 1.53 -22.35 18.11
CA VAL A 38 1.79 -21.01 17.61
C VAL A 38 3.16 -21.02 16.93
N GLU A 39 3.16 -21.06 15.60
CA GLU A 39 4.38 -20.95 14.80
C GLU A 39 4.52 -19.53 14.25
N HIS A 40 5.75 -19.02 14.21
CA HIS A 40 6.03 -17.70 13.64
C HIS A 40 6.97 -17.85 12.43
N PRO A 41 6.43 -18.23 11.28
CA PRO A 41 7.26 -18.44 10.10
C PRO A 41 7.83 -17.14 9.57
N ASP A 42 9.01 -17.23 8.96
CA ASP A 42 9.59 -16.06 8.31
C ASP A 42 8.85 -15.75 7.01
N LYS A 43 8.94 -14.47 6.59
CA LYS A 43 8.19 -13.97 5.43
C LYS A 43 6.73 -14.40 5.52
N LEU A 44 6.17 -14.26 6.72
CA LEU A 44 4.92 -14.94 7.06
C LEU A 44 3.77 -14.50 6.16
N GLU A 45 3.60 -13.18 5.98
CA GLU A 45 2.50 -12.67 5.18
C GLU A 45 2.66 -13.02 3.71
N GLU A 46 3.87 -13.34 3.26
CA GLU A 46 4.05 -13.79 1.88
C GLU A 46 3.77 -15.29 1.75
N LYS A 47 4.01 -16.06 2.80
CA LYS A 47 3.80 -17.50 2.73
C LYS A 47 2.32 -17.86 2.85
N PHE A 48 1.57 -17.15 3.67
CA PHE A 48 0.16 -17.48 3.90
C PHE A 48 -0.65 -17.62 2.62
N PRO A 49 -0.68 -16.65 1.71
CA PRO A 49 -1.52 -16.83 0.52
C PRO A 49 -0.98 -17.89 -0.42
N GLN A 50 0.33 -18.14 -0.39
CA GLN A 50 0.91 -19.23 -1.17
C GLN A 50 0.33 -20.57 -0.74
N VAL A 51 0.29 -20.80 0.57
CA VAL A 51 -0.05 -22.10 1.12
C VAL A 51 -1.55 -22.26 1.36
N ALA A 52 -2.25 -21.18 1.73
CA ALA A 52 -3.70 -21.26 1.96
C ALA A 52 -4.50 -21.27 0.68
N ALA A 53 -3.90 -20.92 -0.46
CA ALA A 53 -4.57 -21.07 -1.75
C ALA A 53 -4.80 -22.52 -2.10
N THR A 54 -3.99 -23.43 -1.54
CA THR A 54 -4.22 -24.86 -1.66
C THR A 54 -4.89 -25.42 -0.40
N GLY A 55 -4.24 -25.29 0.76
CA GLY A 55 -4.85 -25.68 2.01
C GLY A 55 -3.90 -25.70 3.20
N ASP A 56 -2.85 -26.52 3.12
CA ASP A 56 -2.00 -26.89 4.25
C ASP A 56 -1.39 -25.70 5.01
N GLY A 57 -2.20 -24.71 5.38
CA GLY A 57 -1.74 -23.58 6.16
C GLY A 57 -2.39 -23.51 7.53
N PRO A 58 -2.17 -22.41 8.25
CA PRO A 58 -2.69 -22.30 9.61
C PRO A 58 -4.20 -22.09 9.61
N ASP A 59 -4.77 -22.22 10.81
CA ASP A 59 -6.19 -21.91 10.99
C ASP A 59 -6.39 -20.42 11.22
N ILE A 60 -5.51 -19.81 12.02
CA ILE A 60 -5.65 -18.41 12.41
C ILE A 60 -4.37 -17.68 12.01
N ILE A 61 -4.54 -16.57 11.28
CA ILE A 61 -3.45 -15.72 10.82
C ILE A 61 -3.59 -14.36 11.51
N PHE A 62 -2.49 -13.87 12.09
CA PHE A 62 -2.44 -12.56 12.71
C PHE A 62 -1.61 -11.61 11.84
N TRP A 63 -2.15 -10.44 11.54
CA TRP A 63 -1.43 -9.43 10.75
C TRP A 63 -2.24 -8.13 10.72
N ALA A 64 -1.58 -7.07 10.25
CA ALA A 64 -2.24 -5.79 10.05
C ALA A 64 -3.40 -5.95 9.09
N HIS A 65 -4.49 -5.22 9.36
CA HIS A 65 -5.71 -5.39 8.57
C HIS A 65 -5.52 -5.04 7.11
N ASP A 66 -4.55 -4.19 6.76
CA ASP A 66 -4.52 -3.67 5.39
C ASP A 66 -4.25 -4.78 4.38
N ARG A 67 -3.45 -5.79 4.75
CA ARG A 67 -3.19 -6.92 3.87
C ARG A 67 -4.33 -7.94 3.89
N PHE A 68 -5.22 -7.89 4.87
CA PHE A 68 -6.32 -8.86 4.89
C PHE A 68 -7.30 -8.64 3.76
N GLY A 69 -7.34 -7.43 3.18
CA GLY A 69 -8.21 -7.20 2.04
C GLY A 69 -7.78 -7.97 0.81
N GLY A 70 -6.47 -8.02 0.57
CA GLY A 70 -5.96 -8.89 -0.48
C GLY A 70 -6.28 -10.35 -0.22
N TYR A 71 -6.12 -10.81 1.03
CA TYR A 71 -6.51 -12.17 1.38
C TYR A 71 -7.97 -12.43 1.04
N ALA A 72 -8.86 -11.55 1.50
CA ALA A 72 -10.29 -11.76 1.29
C ALA A 72 -10.68 -11.66 -0.17
N GLN A 73 -10.00 -10.80 -0.92
CA GLN A 73 -10.22 -10.74 -2.36
C GLN A 73 -9.91 -12.07 -3.02
N SER A 74 -9.01 -12.86 -2.43
CA SER A 74 -8.72 -14.21 -2.89
C SER A 74 -9.52 -15.28 -2.15
N GLY A 75 -10.52 -14.90 -1.34
CA GLY A 75 -11.33 -15.84 -0.61
C GLY A 75 -10.65 -16.58 0.54
N LEU A 76 -9.35 -16.36 0.78
CA LEU A 76 -8.61 -17.12 1.78
C LEU A 76 -9.08 -16.90 3.22
N LEU A 77 -10.17 -16.21 3.53
CA LEU A 77 -10.55 -15.95 4.91
C LEU A 77 -12.05 -16.18 5.06
N ALA A 78 -12.45 -16.65 6.23
CA ALA A 78 -13.85 -16.98 6.47
C ALA A 78 -14.56 -15.83 7.15
N GLU A 79 -15.85 -15.70 6.84
CA GLU A 79 -16.65 -14.61 7.37
C GLU A 79 -16.95 -14.86 8.85
N ILE A 80 -16.12 -14.32 9.75
CA ILE A 80 -16.35 -14.50 11.17
C ILE A 80 -17.74 -13.99 11.56
N THR A 81 -18.30 -14.57 12.62
CA THR A 81 -19.71 -14.38 12.99
C THR A 81 -19.81 -14.00 14.47
N PRO A 82 -19.25 -12.87 14.87
CA PRO A 82 -19.14 -12.59 16.30
C PRO A 82 -20.48 -12.18 16.88
N ALA A 83 -20.74 -12.68 18.09
CA ALA A 83 -21.94 -12.30 18.83
C ALA A 83 -22.08 -10.79 18.85
N ALA A 84 -23.30 -10.32 18.60
CA ALA A 84 -23.58 -8.88 18.69
C ALA A 84 -23.12 -8.31 20.02
N ALA A 85 -23.10 -9.13 21.07
CA ALA A 85 -22.59 -8.68 22.36
C ALA A 85 -21.08 -8.51 22.32
N PHE A 86 -20.37 -9.50 21.76
CA PHE A 86 -18.92 -9.47 21.78
C PHE A 86 -18.37 -8.22 21.11
N GLN A 87 -19.10 -7.68 20.13
CA GLN A 87 -18.62 -6.50 19.40
C GLN A 87 -18.55 -5.27 20.27
N ASP A 88 -19.38 -5.19 21.31
CA ASP A 88 -19.34 -4.04 22.21
C ASP A 88 -18.17 -4.08 23.17
N LYS A 89 -17.47 -5.21 23.29
CA LYS A 89 -16.24 -5.27 24.08
C LYS A 89 -15.05 -4.63 23.36
N LEU A 90 -15.19 -4.31 22.07
CA LEU A 90 -14.16 -3.64 21.28
C LEU A 90 -14.64 -2.26 20.88
N TYR A 91 -13.69 -1.33 20.76
CA TYR A 91 -14.06 0.01 20.30
C TYR A 91 -14.72 -0.09 18.93
N PRO A 92 -15.81 0.64 18.69
CA PRO A 92 -16.58 0.42 17.46
C PRO A 92 -15.82 0.75 16.19
N PHE A 93 -14.88 1.70 16.23
CA PHE A 93 -14.13 2.01 15.01
C PHE A 93 -13.24 0.86 14.56
N THR A 94 -12.89 -0.08 15.45
CA THR A 94 -12.03 -1.18 15.04
C THR A 94 -12.75 -2.15 14.11
N TRP A 95 -14.07 -2.32 14.27
CA TRP A 95 -14.76 -3.30 13.43
C TRP A 95 -14.80 -2.86 11.97
N ASP A 96 -14.68 -1.56 11.72
CA ASP A 96 -14.63 -1.06 10.34
C ASP A 96 -13.35 -1.47 9.61
N ALA A 97 -12.30 -1.82 10.35
CA ALA A 97 -11.03 -2.14 9.73
C ALA A 97 -10.98 -3.55 9.20
N VAL A 98 -11.91 -4.41 9.63
CA VAL A 98 -11.85 -5.83 9.31
C VAL A 98 -13.10 -6.23 8.54
N ARG A 99 -13.38 -5.53 7.43
CA ARG A 99 -14.42 -5.93 6.48
C ARG A 99 -13.89 -5.83 5.06
N TYR A 100 -14.40 -6.69 4.20
CA TYR A 100 -14.23 -6.60 2.76
C TYR A 100 -15.60 -6.82 2.13
N ASN A 101 -15.99 -5.92 1.22
CA ASN A 101 -17.30 -6.01 0.56
C ASN A 101 -18.44 -6.16 1.55
N GLY A 102 -18.25 -5.67 2.78
CA GLY A 102 -19.30 -5.64 3.78
C GLY A 102 -19.20 -6.72 4.84
N LYS A 103 -18.49 -7.81 4.57
CA LYS A 103 -18.45 -8.95 5.48
C LYS A 103 -17.26 -8.87 6.42
N LEU A 104 -17.52 -9.15 7.71
CA LEU A 104 -16.44 -9.29 8.67
C LEU A 104 -15.51 -10.43 8.29
N ILE A 105 -14.20 -10.21 8.46
CA ILE A 105 -13.22 -11.23 8.07
C ILE A 105 -12.11 -11.37 9.10
N ALA A 106 -12.22 -10.69 10.23
CA ALA A 106 -11.15 -10.79 11.23
C ALA A 106 -11.61 -10.16 12.54
N TYR A 107 -10.92 -10.50 13.59
CA TYR A 107 -11.15 -9.87 14.88
C TYR A 107 -10.08 -8.82 15.14
N PRO A 108 -10.48 -7.58 15.48
CA PRO A 108 -9.47 -6.56 15.80
C PRO A 108 -8.81 -6.85 17.13
N ILE A 109 -7.49 -6.58 17.20
CA ILE A 109 -6.70 -6.86 18.41
C ILE A 109 -5.97 -5.63 18.95
N ALA A 110 -5.14 -4.99 18.13
CA ALA A 110 -4.37 -3.84 18.57
C ALA A 110 -4.45 -2.73 17.53
N VAL A 111 -4.10 -1.52 17.95
CA VAL A 111 -4.32 -0.32 17.14
C VAL A 111 -3.10 0.60 17.26
N GLU A 112 -2.61 1.11 16.12
CA GLU A 112 -1.52 2.08 16.11
C GLU A 112 -1.89 3.28 15.23
N ALA A 113 -1.32 4.43 15.60
CA ALA A 113 -1.47 5.66 14.83
C ALA A 113 -0.35 6.60 15.25
N LEU A 114 -0.06 7.57 14.38
CA LEU A 114 0.93 8.60 14.70
C LEU A 114 0.48 9.44 15.90
N SER A 115 1.45 10.00 16.62
CA SER A 115 1.13 11.00 17.64
C SER A 115 2.10 12.14 17.54
N LEU A 116 1.82 13.21 18.29
CA LEU A 116 2.77 14.30 18.46
C LEU A 116 3.76 13.95 19.57
N ILE A 117 5.04 13.94 19.23
CA ILE A 117 6.13 13.63 20.14
C ILE A 117 6.92 14.89 20.40
N TYR A 118 7.09 15.25 21.68
CA TYR A 118 7.71 16.53 22.02
C TYR A 118 8.75 16.40 23.12
N ASN A 119 9.71 17.32 23.12
CA ASN A 119 10.85 17.31 24.04
C ASN A 119 10.50 18.12 25.28
N LYS A 120 10.30 17.42 26.41
CA LYS A 120 9.77 18.08 27.61
C LYS A 120 10.70 19.19 28.12
N ASP A 121 11.99 19.13 27.83
CA ASP A 121 12.86 20.20 28.30
C ASP A 121 12.78 21.42 27.40
N LEU A 122 12.71 21.23 26.09
CA LEU A 122 12.58 22.37 25.19
C LEU A 122 11.17 22.94 25.18
N LEU A 123 10.18 22.16 25.55
CA LEU A 123 8.79 22.57 25.27
C LEU A 123 7.83 21.81 26.19
N PRO A 124 7.75 22.21 27.46
CA PRO A 124 6.89 21.49 28.40
C PRO A 124 5.41 21.63 28.11
N ASN A 125 5.01 22.59 27.26
CA ASN A 125 3.61 22.80 26.89
C ASN A 125 3.46 22.81 25.38
N PRO A 126 3.39 21.64 24.75
CA PRO A 126 3.34 21.59 23.29
C PRO A 126 2.08 22.25 22.77
N PRO A 127 2.14 22.83 21.57
CA PRO A 127 0.97 23.55 21.06
C PRO A 127 -0.17 22.59 20.77
N LYS A 128 -1.39 23.04 21.04
CA LYS A 128 -2.54 22.24 20.71
C LYS A 128 -3.02 22.43 19.27
N THR A 129 -2.53 23.44 18.54
CA THR A 129 -2.99 23.74 17.20
C THR A 129 -1.82 23.94 16.24
N TRP A 130 -1.99 23.41 15.03
CA TRP A 130 -1.06 23.68 13.94
C TRP A 130 -0.81 25.17 13.76
N GLU A 131 -1.84 26.00 13.92
CA GLU A 131 -1.69 27.43 13.66
C GLU A 131 -0.68 28.09 14.61
N GLU A 132 -0.57 27.59 15.83
CA GLU A 132 0.43 28.10 16.78
C GLU A 132 1.85 27.87 16.32
N ILE A 133 2.08 26.91 15.42
CA ILE A 133 3.44 26.45 15.16
C ILE A 133 4.35 27.51 14.56
N PRO A 134 3.92 28.37 13.62
CA PRO A 134 4.87 29.37 13.08
C PRO A 134 5.40 30.36 14.12
N ALA A 135 4.55 30.87 15.02
CA ALA A 135 5.07 31.72 16.09
C ALA A 135 6.09 30.97 16.94
N LEU A 136 5.74 29.76 17.37
CA LEU A 136 6.65 28.99 18.22
C LEU A 136 8.00 28.76 17.52
N ASP A 137 7.98 28.51 16.21
CA ASP A 137 9.24 28.29 15.49
C ASP A 137 10.04 29.58 15.36
N LYS A 138 9.35 30.72 15.20
CA LYS A 138 10.04 32.00 15.16
C LYS A 138 10.82 32.24 16.45
N GLU A 139 10.23 31.86 17.58
CA GLU A 139 10.89 32.00 18.86
C GLU A 139 12.07 31.03 18.98
N LEU A 140 11.88 29.77 18.59
CA LEU A 140 12.94 28.80 18.78
C LEU A 140 14.10 29.00 17.82
N LYS A 141 13.84 29.53 16.62
CA LYS A 141 14.93 29.78 15.65
C LYS A 141 15.94 30.79 16.18
N ALA A 142 15.49 31.76 16.99
CA ALA A 142 16.40 32.74 17.57
C ALA A 142 17.29 32.14 18.65
N LYS A 143 17.07 30.89 19.04
CA LYS A 143 17.92 30.14 19.97
C LYS A 143 18.66 29.02 19.27
N GLY A 144 18.64 28.96 17.94
CA GLY A 144 19.27 27.90 17.21
C GLY A 144 18.45 26.64 17.05
N LYS A 145 17.23 26.59 17.57
CA LYS A 145 16.41 25.40 17.53
C LYS A 145 15.27 25.54 16.52
N SER A 146 14.52 24.46 16.34
CA SER A 146 13.33 24.51 15.49
C SER A 146 12.16 23.89 16.23
N ALA A 147 10.94 24.26 15.81
CA ALA A 147 9.75 23.79 16.50
C ALA A 147 9.43 22.34 16.16
N LEU A 148 9.51 21.96 14.89
CA LEU A 148 8.90 20.72 14.43
C LEU A 148 9.68 20.17 13.25
N MET A 149 10.07 18.91 13.33
CA MET A 149 10.61 18.21 12.19
C MET A 149 10.00 16.82 12.12
N PHE A 150 9.46 16.48 10.96
CA PHE A 150 8.94 15.14 10.75
C PHE A 150 9.06 14.81 9.28
N ASN A 151 8.84 13.54 8.97
CA ASN A 151 9.00 13.06 7.60
C ASN A 151 7.97 13.71 6.67
N LEU A 152 8.46 14.50 5.72
CA LEU A 152 7.62 15.16 4.72
C LEU A 152 7.52 14.39 3.41
N GLN A 153 8.29 13.32 3.23
CA GLN A 153 8.32 12.65 1.94
C GLN A 153 7.11 11.74 1.76
N GLU A 154 6.70 11.04 2.80
CA GLU A 154 5.65 10.03 2.74
C GLU A 154 4.27 10.64 3.05
N PRO A 155 3.29 10.47 2.16
CA PRO A 155 1.93 10.97 2.45
C PRO A 155 1.34 10.44 3.75
N TYR A 156 1.73 9.24 4.18
CA TYR A 156 1.33 8.73 5.48
C TYR A 156 1.59 9.73 6.60
N PHE A 157 2.69 10.48 6.51
CA PHE A 157 2.98 11.44 7.57
C PHE A 157 2.31 12.79 7.37
N THR A 158 2.19 13.26 6.13
CA THR A 158 1.60 14.57 5.88
C THR A 158 0.06 14.54 5.82
N TRP A 159 -0.52 13.38 5.51
CA TRP A 159 -1.98 13.30 5.37
C TRP A 159 -2.76 13.70 6.63
N PRO A 160 -2.31 13.44 7.86
CA PRO A 160 -3.14 13.84 9.02
C PRO A 160 -3.48 15.32 9.03
N LEU A 161 -2.55 16.16 8.58
CA LEU A 161 -2.84 17.58 8.45
C LEU A 161 -3.74 17.85 7.24
N ILE A 162 -3.48 17.18 6.13
CA ILE A 162 -4.22 17.46 4.91
C ILE A 162 -5.67 17.05 5.08
N ALA A 163 -5.92 16.00 5.87
CA ALA A 163 -7.26 15.48 6.08
C ALA A 163 -8.09 16.30 7.05
N ALA A 164 -7.46 17.06 7.95
CA ALA A 164 -8.17 17.60 9.12
C ALA A 164 -9.42 18.39 8.70
N ASP A 165 -9.29 19.26 7.70
CA ASP A 165 -10.36 20.14 7.29
C ASP A 165 -11.27 19.53 6.22
N GLY A 166 -11.07 18.26 5.85
CA GLY A 166 -12.02 17.64 4.95
C GLY A 166 -11.48 16.65 3.92
N GLY A 167 -10.17 16.56 3.74
CA GLY A 167 -9.63 15.59 2.81
C GLY A 167 -9.88 14.17 3.26
N TYR A 168 -9.88 13.25 2.29
CA TYR A 168 -9.96 11.83 2.61
C TYR A 168 -9.43 11.04 1.43
N ALA A 169 -9.05 9.78 1.71
CA ALA A 169 -8.54 8.92 0.65
C ALA A 169 -9.68 8.40 -0.24
N PHE A 170 -10.48 7.47 0.28
CA PHE A 170 -11.57 6.83 -0.45
C PHE A 170 -12.80 6.84 0.45
N LYS A 171 -13.94 7.28 -0.09
CA LYS A 171 -15.12 7.37 0.77
C LYS A 171 -15.61 5.99 1.16
N TYR A 172 -15.95 5.86 2.43
CA TYR A 172 -16.35 4.60 3.02
C TYR A 172 -17.76 4.75 3.60
N ALA A 173 -18.66 3.86 3.21
CA ALA A 173 -20.01 3.91 3.73
C ALA A 173 -20.66 2.55 3.53
N ALA A 174 -21.47 2.14 4.50
CA ALA A 174 -22.20 0.88 4.44
C ALA A 174 -21.24 -0.30 4.21
N GLY A 175 -20.09 -0.27 4.88
CA GLY A 175 -19.14 -1.35 4.82
C GLY A 175 -18.28 -1.42 3.56
N LYS A 176 -18.40 -0.44 2.65
CA LYS A 176 -17.71 -0.52 1.37
C LYS A 176 -16.99 0.80 1.07
N TYR A 177 -15.89 0.69 0.32
CA TYR A 177 -15.19 1.83 -0.23
C TYR A 177 -15.65 2.08 -1.66
N ASP A 178 -15.85 3.34 -2.01
CA ASP A 178 -16.22 3.74 -3.36
C ASP A 178 -14.98 4.33 -4.03
N ILE A 179 -14.33 3.54 -4.89
CA ILE A 179 -13.04 3.91 -5.48
C ILE A 179 -13.17 5.06 -6.46
N LYS A 180 -14.38 5.52 -6.72
CA LYS A 180 -14.60 6.71 -7.52
C LYS A 180 -14.64 7.97 -6.69
N ASP A 181 -14.76 7.84 -5.37
CA ASP A 181 -14.98 8.96 -4.46
C ASP A 181 -13.69 9.18 -3.65
N VAL A 182 -12.80 9.95 -4.25
CA VAL A 182 -11.53 10.30 -3.68
C VAL A 182 -11.62 11.75 -3.20
N GLY A 183 -11.06 12.03 -2.02
CA GLY A 183 -11.19 13.33 -1.42
C GLY A 183 -9.87 14.07 -1.39
N VAL A 184 -9.17 14.09 -2.52
CA VAL A 184 -7.83 14.67 -2.54
C VAL A 184 -7.85 16.13 -2.99
N ASP A 185 -8.79 16.55 -3.81
CA ASP A 185 -8.78 17.93 -4.30
C ASP A 185 -9.99 18.73 -3.86
N ASN A 186 -10.55 18.42 -2.69
CA ASN A 186 -11.64 19.22 -2.15
C ASN A 186 -11.07 20.39 -1.34
N ALA A 187 -11.96 21.23 -0.80
CA ALA A 187 -11.52 22.43 -0.12
C ALA A 187 -10.74 22.11 1.15
N GLY A 188 -11.10 21.04 1.85
CA GLY A 188 -10.40 20.70 3.07
C GLY A 188 -8.97 20.26 2.82
N ALA A 189 -8.75 19.50 1.77
CA ALA A 189 -7.41 19.04 1.44
C ALA A 189 -6.55 20.19 0.93
N LYS A 190 -7.14 21.10 0.15
CA LYS A 190 -6.42 22.28 -0.34
C LYS A 190 -5.95 23.15 0.81
N ALA A 191 -6.80 23.31 1.83
CA ALA A 191 -6.45 24.22 2.91
C ALA A 191 -5.31 23.65 3.76
N GLY A 192 -5.37 22.35 4.07
CA GLY A 192 -4.32 21.72 4.85
C GLY A 192 -3.00 21.66 4.09
N LEU A 193 -3.03 21.32 2.81
CA LEU A 193 -1.79 21.30 2.06
C LEU A 193 -1.25 22.71 1.84
N THR A 194 -2.14 23.71 1.76
CA THR A 194 -1.69 25.10 1.70
C THR A 194 -1.00 25.50 2.99
N PHE A 195 -1.56 25.10 4.13
CA PHE A 195 -0.88 25.38 5.39
C PHE A 195 0.49 24.71 5.41
N LEU A 196 0.53 23.42 5.09
CA LEU A 196 1.81 22.70 5.01
C LEU A 196 2.80 23.42 4.11
N VAL A 197 2.41 23.68 2.86
CA VAL A 197 3.27 24.33 1.88
C VAL A 197 3.73 25.70 2.40
N ASP A 198 2.88 26.38 3.18
CA ASP A 198 3.26 27.65 3.79
C ASP A 198 4.33 27.48 4.87
N LEU A 199 4.23 26.42 5.67
CA LEU A 199 5.27 26.17 6.65
C LEU A 199 6.62 25.99 5.97
N ILE A 200 6.62 25.39 4.78
CA ILE A 200 7.88 25.18 4.08
C ILE A 200 8.36 26.46 3.43
N LYS A 201 7.48 27.19 2.76
CA LYS A 201 7.95 28.37 2.05
C LYS A 201 8.39 29.47 3.01
N ASN A 202 7.85 29.50 4.23
CA ASN A 202 8.32 30.41 5.26
C ASN A 202 9.49 29.85 6.07
N LYS A 203 10.11 28.75 5.60
CA LYS A 203 11.31 28.15 6.19
C LYS A 203 11.12 27.75 7.66
N HIS A 204 9.89 27.40 8.04
CA HIS A 204 9.65 26.73 9.32
C HIS A 204 9.90 25.23 9.23
N MET A 205 9.91 24.69 8.02
CA MET A 205 10.20 23.30 7.77
C MET A 205 10.94 23.24 6.45
N ASN A 206 11.59 22.12 6.20
CA ASN A 206 12.42 21.94 5.03
C ASN A 206 11.80 20.89 4.13
N ALA A 207 11.73 21.18 2.82
CA ALA A 207 11.08 20.25 1.89
C ALA A 207 11.77 18.88 1.84
N ASP A 208 13.02 18.78 2.32
CA ASP A 208 13.81 17.57 2.16
C ASP A 208 13.76 16.64 3.35
N THR A 209 13.14 17.06 4.44
CA THR A 209 13.14 16.26 5.65
C THR A 209 12.48 14.91 5.40
N ASP A 210 13.20 13.83 5.66
CA ASP A 210 12.65 12.50 5.55
C ASP A 210 12.65 11.85 6.93
N TYR A 211 12.34 10.55 6.95
CA TYR A 211 12.26 9.83 8.21
C TYR A 211 13.56 9.96 9.03
N SER A 212 14.71 9.72 8.38
CA SER A 212 15.99 9.71 9.10
C SER A 212 16.37 11.09 9.60
N ILE A 213 16.35 12.09 8.72
CA ILE A 213 16.73 13.44 9.15
C ILE A 213 15.88 13.84 10.34
N ALA A 214 14.56 13.61 10.26
CA ALA A 214 13.68 14.00 11.35
C ALA A 214 14.00 13.23 12.62
N GLU A 215 14.19 11.91 12.52
CA GLU A 215 14.43 11.12 13.72
C GLU A 215 15.76 11.49 14.38
N ALA A 216 16.78 11.86 13.61
CA ALA A 216 18.06 12.27 14.20
C ALA A 216 17.97 13.65 14.81
N ALA A 217 17.32 14.59 14.13
CA ALA A 217 17.23 15.94 14.65
C ALA A 217 16.52 15.97 15.99
N PHE A 218 15.52 15.11 16.17
CA PHE A 218 14.78 15.12 17.43
C PHE A 218 15.53 14.40 18.54
N ASN A 219 16.13 13.24 18.24
CA ASN A 219 16.81 12.49 19.29
C ASN A 219 18.14 13.12 19.69
N LYS A 220 18.62 14.11 18.95
CA LYS A 220 19.77 14.90 19.36
C LYS A 220 19.37 16.25 19.95
N GLY A 221 18.08 16.48 20.20
CA GLY A 221 17.62 17.70 20.83
C GLY A 221 17.62 18.95 19.97
N GLU A 222 17.80 18.80 18.64
CA GLU A 222 17.81 19.96 17.75
C GLU A 222 16.42 20.52 17.47
N THR A 223 15.37 19.76 17.72
CA THR A 223 14.03 20.17 17.37
C THR A 223 13.09 19.80 18.51
N ALA A 224 12.07 20.66 18.73
CA ALA A 224 11.22 20.52 19.90
C ALA A 224 10.17 19.43 19.72
N MET A 225 9.65 19.23 18.50
CA MET A 225 8.63 18.22 18.24
C MET A 225 8.97 17.41 16.99
N THR A 226 8.47 16.19 16.98
CA THR A 226 8.37 15.43 15.75
C THR A 226 7.02 14.73 15.73
N ILE A 227 6.75 14.02 14.64
CA ILE A 227 5.56 13.21 14.51
C ILE A 227 5.98 11.79 14.19
N ASN A 228 5.46 10.83 14.95
CA ASN A 228 5.91 9.46 14.73
C ASN A 228 5.03 8.54 15.55
N GLY A 229 5.14 7.25 15.26
CA GLY A 229 4.30 6.26 15.88
C GLY A 229 5.06 5.46 16.92
N PRO A 230 4.39 4.48 17.54
CA PRO A 230 5.01 3.77 18.68
C PRO A 230 6.26 2.97 18.29
N TRP A 231 6.37 2.52 17.04
CA TRP A 231 7.59 1.84 16.58
C TRP A 231 8.84 2.67 16.83
N ALA A 232 8.73 3.98 17.02
CA ALA A 232 9.88 4.86 17.11
C ALA A 232 10.28 5.14 18.57
N TRP A 233 9.52 4.62 19.53
CA TRP A 233 9.73 4.98 20.92
C TRP A 233 11.05 4.42 21.44
N SER A 234 11.43 3.22 20.99
CA SER A 234 12.63 2.56 21.48
C SER A 234 13.88 3.40 21.21
N ASN A 235 13.98 3.98 20.01
CA ASN A 235 15.14 4.81 19.71
C ASN A 235 15.15 6.10 20.53
N ILE A 236 14.00 6.67 20.86
CA ILE A 236 14.06 7.89 21.65
C ILE A 236 14.47 7.56 23.09
N ASP A 237 14.02 6.40 23.59
CA ASP A 237 14.41 5.98 24.94
C ASP A 237 15.92 5.90 25.08
N THR A 238 16.59 5.37 24.06
CA THR A 238 18.05 5.27 24.05
C THR A 238 18.73 6.63 24.16
N SER A 239 18.12 7.66 23.59
CA SER A 239 18.71 8.99 23.54
C SER A 239 18.52 9.73 24.85
N ALA A 240 19.11 10.94 24.91
CA ALA A 240 19.02 11.83 26.07
C ALA A 240 17.93 12.88 25.90
N VAL A 241 16.77 12.50 25.40
CA VAL A 241 15.64 13.41 25.29
C VAL A 241 14.55 12.90 26.24
N ASN A 242 14.12 13.77 27.14
CA ASN A 242 12.93 13.52 27.95
C ASN A 242 11.70 13.86 27.10
N TYR A 243 10.95 12.85 26.67
CA TYR A 243 9.95 13.07 25.65
C TYR A 243 8.55 12.77 26.15
N GLY A 244 7.57 13.42 25.51
CA GLY A 244 6.16 13.12 25.68
C GLY A 244 5.48 12.72 24.38
N VAL A 245 4.34 12.05 24.51
CA VAL A 245 3.53 11.62 23.38
C VAL A 245 2.11 12.12 23.62
N THR A 246 1.56 12.88 22.69
CA THR A 246 0.29 13.55 22.92
C THR A 246 -0.55 13.58 21.64
N VAL A 247 -1.78 14.09 21.80
CA VAL A 247 -2.71 14.22 20.67
C VAL A 247 -2.11 15.15 19.62
N LEU A 248 -2.34 14.82 18.34
CA LEU A 248 -1.84 15.65 17.26
C LEU A 248 -2.48 17.03 17.34
N PRO A 249 -1.84 18.04 16.76
CA PRO A 249 -2.45 19.38 16.77
C PRO A 249 -3.74 19.41 15.96
N THR A 250 -4.62 20.33 16.33
CA THR A 250 -5.78 20.54 15.49
C THR A 250 -5.42 21.50 14.37
N PHE A 251 -6.23 21.48 13.32
CA PHE A 251 -6.13 22.44 12.23
C PHE A 251 -7.54 22.97 11.95
N LYS A 252 -7.66 24.29 11.84
CA LYS A 252 -8.95 24.98 11.72
C LYS A 252 -9.96 24.41 12.71
N GLY A 253 -9.51 24.18 13.94
CA GLY A 253 -10.36 23.70 15.00
C GLY A 253 -10.74 22.24 14.93
N GLN A 254 -10.18 21.47 14.01
CA GLN A 254 -10.57 20.08 13.86
C GLN A 254 -9.37 19.15 14.05
N PRO A 255 -9.58 17.93 14.54
CA PRO A 255 -8.43 17.07 14.84
C PRO A 255 -7.65 16.69 13.58
N SER A 256 -6.35 16.42 13.76
CA SER A 256 -5.59 15.75 12.72
C SER A 256 -6.07 14.31 12.58
N LYS A 257 -5.98 13.76 11.37
CA LYS A 257 -6.59 12.47 11.08
C LYS A 257 -5.55 11.48 10.56
N PRO A 258 -4.75 10.91 11.44
CA PRO A 258 -3.76 9.94 10.98
C PRO A 258 -4.43 8.67 10.51
N PHE A 259 -3.76 7.94 9.62
CA PHE A 259 -4.26 6.63 9.24
C PHE A 259 -4.11 5.66 10.40
N VAL A 260 -4.99 4.67 10.46
CA VAL A 260 -5.05 3.76 11.60
C VAL A 260 -4.81 2.35 11.12
N GLY A 261 -3.89 1.65 11.76
CA GLY A 261 -3.59 0.26 11.46
C GLY A 261 -4.05 -0.64 12.60
N VAL A 262 -4.82 -1.66 12.26
CA VAL A 262 -5.47 -2.52 13.23
C VAL A 262 -4.88 -3.92 13.08
N LEU A 263 -3.99 -4.29 14.00
CA LEU A 263 -3.54 -5.68 14.10
C LEU A 263 -4.75 -6.59 14.28
N SER A 264 -4.76 -7.70 13.54
CA SER A 264 -5.99 -8.47 13.41
C SER A 264 -5.67 -9.95 13.26
N ALA A 265 -6.67 -10.77 13.56
CA ALA A 265 -6.59 -12.23 13.46
C ALA A 265 -7.69 -12.72 12.54
N GLY A 266 -7.31 -13.40 11.48
CA GLY A 266 -8.27 -13.94 10.55
C GLY A 266 -8.35 -15.45 10.61
N ILE A 267 -9.49 -15.99 10.17
CA ILE A 267 -9.74 -17.43 10.14
C ILE A 267 -9.55 -17.93 8.72
N ASN A 268 -8.72 -18.96 8.56
CA ASN A 268 -8.58 -19.60 7.26
C ASN A 268 -9.91 -20.19 6.82
N ALA A 269 -10.40 -19.75 5.65
CA ALA A 269 -11.66 -20.29 5.14
C ALA A 269 -11.53 -21.76 4.76
N ALA A 270 -10.31 -22.22 4.48
CA ALA A 270 -10.05 -23.62 4.15
C ALA A 270 -9.57 -24.38 5.38
N SER A 271 -10.39 -24.34 6.44
CA SER A 271 -10.05 -24.99 7.69
C SER A 271 -11.32 -25.37 8.45
N PRO A 272 -11.32 -26.52 9.15
CA PRO A 272 -12.57 -27.03 9.74
C PRO A 272 -12.81 -26.53 11.15
N ASN A 273 -11.73 -26.18 11.85
CA ASN A 273 -11.80 -25.69 13.22
C ASN A 273 -12.37 -24.27 13.28
N LYS A 274 -13.17 -23.88 12.27
CA LYS A 274 -13.75 -22.54 12.27
C LYS A 274 -14.49 -22.25 13.57
N GLU A 275 -15.02 -23.28 14.21
CA GLU A 275 -15.66 -23.10 15.52
C GLU A 275 -14.63 -23.07 16.65
N LEU A 276 -13.65 -23.97 16.61
CA LEU A 276 -12.58 -23.95 17.60
C LEU A 276 -11.75 -22.66 17.49
N ALA A 277 -11.70 -22.07 16.30
CA ALA A 277 -11.02 -20.80 16.12
C ALA A 277 -11.80 -19.66 16.74
N LYS A 278 -13.08 -19.57 16.40
CA LYS A 278 -13.95 -18.58 17.02
C LYS A 278 -13.94 -18.72 18.53
N GLU A 279 -13.83 -19.95 19.03
CA GLU A 279 -13.85 -20.21 20.47
C GLU A 279 -12.63 -19.59 21.13
N PHE A 280 -11.46 -19.81 20.55
CA PHE A 280 -10.23 -19.34 21.15
C PHE A 280 -10.12 -17.82 21.16
N LEU A 281 -10.46 -17.17 20.05
CA LEU A 281 -10.28 -15.73 19.95
C LEU A 281 -11.34 -14.97 20.73
N GLU A 282 -12.63 -15.34 20.57
CA GLU A 282 -13.70 -14.57 21.18
C GLU A 282 -13.68 -14.66 22.70
N ASN A 283 -13.19 -15.78 23.26
CA ASN A 283 -13.35 -16.03 24.68
C ASN A 283 -12.07 -16.36 25.44
N TYR A 284 -10.95 -16.60 24.77
CA TYR A 284 -9.69 -16.80 25.47
C TYR A 284 -8.63 -15.77 25.11
N LEU A 285 -8.63 -15.22 23.90
CA LEU A 285 -7.63 -14.22 23.51
C LEU A 285 -8.03 -12.82 23.96
N LEU A 286 -9.13 -12.30 23.42
CA LEU A 286 -9.59 -10.95 23.75
C LEU A 286 -10.35 -10.97 25.08
N THR A 287 -9.56 -11.17 26.13
CA THR A 287 -9.94 -10.95 27.51
C THR A 287 -8.79 -10.22 28.16
N ASP A 288 -9.07 -9.55 29.28
CA ASP A 288 -7.99 -8.91 30.02
C ASP A 288 -6.88 -9.91 30.30
N GLU A 289 -7.25 -11.14 30.68
CA GLU A 289 -6.27 -12.19 30.89
C GLU A 289 -5.49 -12.50 29.62
N GLY A 290 -6.22 -12.74 28.52
CA GLY A 290 -5.62 -13.16 27.27
C GLY A 290 -4.61 -12.17 26.71
N LEU A 291 -5.03 -10.93 26.51
CA LEU A 291 -4.13 -9.93 25.94
C LEU A 291 -2.94 -9.64 26.86
N GLU A 292 -3.15 -9.69 28.17
CA GLU A 292 -2.06 -9.42 29.11
C GLU A 292 -0.93 -10.44 28.94
N ALA A 293 -1.28 -11.71 28.71
CA ALA A 293 -0.23 -12.70 28.48
C ALA A 293 0.57 -12.35 27.24
N VAL A 294 -0.13 -12.02 26.14
CA VAL A 294 0.56 -11.54 24.95
C VAL A 294 1.32 -10.26 25.25
N ASN A 295 0.65 -9.33 25.94
CA ASN A 295 1.27 -8.04 26.26
C ASN A 295 2.56 -8.24 27.06
N LYS A 296 2.55 -9.16 28.03
CA LYS A 296 3.73 -9.35 28.88
C LYS A 296 4.91 -9.88 28.09
N ASP A 297 4.67 -10.70 27.07
CA ASP A 297 5.76 -11.17 26.24
C ASP A 297 6.36 -9.97 25.50
N LYS A 298 5.59 -9.37 24.60
CA LYS A 298 6.01 -8.15 23.95
C LYS A 298 4.79 -7.25 23.84
N PRO A 299 4.91 -5.97 24.23
CA PRO A 299 3.73 -5.11 24.37
C PRO A 299 2.97 -4.94 23.07
N LEU A 300 1.65 -4.78 23.20
CA LEU A 300 0.76 -4.61 22.07
C LEU A 300 0.57 -3.16 21.66
N GLY A 301 0.94 -2.20 22.51
CA GLY A 301 0.61 -0.81 22.27
C GLY A 301 -0.78 -0.51 22.76
N ALA A 302 -1.59 0.23 21.98
CA ALA A 302 -3.01 0.36 22.25
C ALA A 302 -3.74 -0.90 21.76
N VAL A 303 -4.79 -1.28 22.48
CA VAL A 303 -5.49 -2.52 22.14
C VAL A 303 -6.95 -2.22 21.88
N ALA A 304 -7.60 -3.14 21.17
CA ALA A 304 -8.99 -2.97 20.74
C ALA A 304 -10.00 -3.35 21.82
N LEU A 305 -9.60 -4.10 22.83
CA LEU A 305 -10.49 -4.45 23.93
C LEU A 305 -10.61 -3.29 24.89
N LYS A 306 -11.83 -2.78 25.08
CA LYS A 306 -12.04 -1.60 25.91
C LYS A 306 -11.53 -1.82 27.32
N SER A 307 -11.87 -2.97 27.92
CA SER A 307 -11.47 -3.24 29.29
C SER A 307 -9.95 -3.18 29.46
N TYR A 308 -9.22 -3.93 28.63
CA TYR A 308 -7.77 -3.94 28.78
C TYR A 308 -7.10 -2.67 28.28
N GLU A 309 -7.75 -1.93 27.37
CA GLU A 309 -7.16 -0.67 26.93
C GLU A 309 -7.22 0.38 28.04
N GLU A 310 -8.25 0.34 28.88
CA GLU A 310 -8.28 1.24 30.03
C GLU A 310 -7.05 1.03 30.90
N GLU A 311 -6.63 -0.22 31.08
CA GLU A 311 -5.44 -0.51 31.86
C GLU A 311 -4.21 0.12 31.22
N LEU A 312 -3.93 -0.24 29.96
CA LEU A 312 -2.73 0.24 29.29
C LEU A 312 -2.69 1.76 29.20
N ALA A 313 -3.85 2.40 29.04
CA ALA A 313 -3.89 3.86 28.93
C ALA A 313 -3.33 4.55 30.16
N LYS A 314 -3.01 3.82 31.23
CA LYS A 314 -2.26 4.42 32.31
C LYS A 314 -0.92 4.95 31.83
N ASP A 315 -0.36 4.35 30.76
CA ASP A 315 0.77 4.91 30.03
C ASP A 315 0.23 6.04 29.14
N PRO A 316 0.55 7.29 29.45
CA PRO A 316 0.00 8.39 28.64
C PRO A 316 0.40 8.30 27.17
N ARG A 317 1.50 7.60 26.86
CA ARG A 317 1.87 7.39 25.47
C ARG A 317 0.86 6.49 24.76
N ILE A 318 0.40 5.43 25.44
CA ILE A 318 -0.60 4.57 24.81
C ILE A 318 -1.94 5.28 24.75
N ALA A 319 -2.26 6.08 25.77
CA ALA A 319 -3.50 6.83 25.74
C ALA A 319 -3.52 7.78 24.55
N ALA A 320 -2.38 8.41 24.25
CA ALA A 320 -2.30 9.34 23.12
C ALA A 320 -2.44 8.60 21.78
N THR A 321 -1.85 7.41 21.68
CA THR A 321 -2.00 6.58 20.49
C THR A 321 -3.48 6.25 20.23
N MET A 322 -4.19 5.82 21.27
CA MET A 322 -5.59 5.50 21.06
C MET A 322 -6.40 6.74 20.72
N GLU A 323 -6.09 7.88 21.36
CA GLU A 323 -6.88 9.08 21.08
C GLU A 323 -6.67 9.55 19.65
N ASN A 324 -5.42 9.53 19.16
CA ASN A 324 -5.18 9.84 17.75
C ASN A 324 -5.80 8.80 16.84
N ALA A 325 -5.81 7.53 17.25
CA ALA A 325 -6.50 6.51 16.45
C ALA A 325 -7.98 6.82 16.32
N GLN A 326 -8.64 7.18 17.43
CA GLN A 326 -10.09 7.38 17.39
C GLN A 326 -10.49 8.59 16.58
N LYS A 327 -9.60 9.56 16.41
CA LYS A 327 -9.83 10.71 15.56
C LYS A 327 -9.34 10.50 14.13
N GLY A 328 -8.69 9.37 13.83
CA GLY A 328 -8.12 9.14 12.52
C GLY A 328 -9.05 8.39 11.58
N GLU A 329 -8.51 8.02 10.41
CA GLU A 329 -9.21 7.25 9.41
C GLU A 329 -8.56 5.87 9.32
N ILE A 330 -9.39 4.83 9.34
CA ILE A 330 -8.95 3.48 9.06
C ILE A 330 -8.20 3.44 7.74
N MET A 331 -7.06 2.79 7.73
CA MET A 331 -6.26 2.61 6.55
C MET A 331 -7.00 1.77 5.52
N PRO A 332 -7.35 2.32 4.34
CA PRO A 332 -8.12 1.53 3.38
C PRO A 332 -7.35 0.28 2.96
N ASN A 333 -8.02 -0.88 3.04
CA ASN A 333 -7.41 -2.17 2.69
C ASN A 333 -7.68 -2.57 1.24
N ILE A 334 -7.88 -1.62 0.35
CA ILE A 334 -8.21 -1.93 -1.04
C ILE A 334 -6.95 -1.76 -1.87
N PRO A 335 -6.80 -2.49 -2.98
CA PRO A 335 -5.59 -2.33 -3.81
C PRO A 335 -5.38 -0.92 -4.36
N GLN A 336 -6.43 -0.11 -4.51
CA GLN A 336 -6.23 1.24 -5.06
C GLN A 336 -5.47 2.16 -4.11
N MET A 337 -5.16 1.73 -2.89
CA MET A 337 -4.44 2.59 -1.96
C MET A 337 -3.04 2.92 -2.45
N SER A 338 -2.45 2.04 -3.25
CA SER A 338 -1.09 2.27 -3.74
C SER A 338 -1.04 3.47 -4.67
N ALA A 339 -1.93 3.51 -5.67
CA ALA A 339 -1.96 4.69 -6.54
C ALA A 339 -2.22 5.96 -5.73
N PHE A 340 -3.01 5.87 -4.65
CA PHE A 340 -3.25 7.04 -3.80
C PHE A 340 -1.94 7.53 -3.15
N TRP A 341 -1.16 6.60 -2.57
CA TRP A 341 0.12 6.99 -1.95
C TRP A 341 1.00 7.75 -2.92
N TYR A 342 1.16 7.21 -4.12
CA TYR A 342 2.06 7.82 -5.08
C TYR A 342 1.52 9.15 -5.58
N ALA A 343 0.21 9.23 -5.85
CA ALA A 343 -0.38 10.46 -6.39
C ALA A 343 -0.24 11.62 -5.40
N VAL A 344 -0.57 11.39 -4.12
CA VAL A 344 -0.39 12.41 -3.10
C VAL A 344 1.09 12.76 -2.89
N ARG A 345 1.96 11.76 -2.96
CA ARG A 345 3.40 12.05 -2.81
C ARG A 345 3.87 13.05 -3.84
N THR A 346 3.46 12.86 -5.10
CA THR A 346 3.80 13.82 -6.16
C THR A 346 3.19 15.17 -5.89
N ALA A 347 1.93 15.20 -5.44
CA ALA A 347 1.29 16.47 -5.17
C ALA A 347 2.07 17.26 -4.13
N VAL A 348 2.45 16.61 -3.01
CA VAL A 348 3.13 17.34 -1.95
C VAL A 348 4.50 17.82 -2.40
N ILE A 349 5.24 16.99 -3.16
CA ILE A 349 6.56 17.43 -3.61
C ILE A 349 6.41 18.63 -4.54
N ASN A 350 5.46 18.56 -5.47
CA ASN A 350 5.34 19.61 -6.49
C ASN A 350 4.77 20.90 -5.91
N ALA A 351 3.85 20.81 -4.95
CA ALA A 351 3.40 22.04 -4.31
C ALA A 351 4.47 22.61 -3.38
N ALA A 352 5.14 21.76 -2.60
CA ALA A 352 6.12 22.26 -1.64
C ALA A 352 7.30 22.93 -2.32
N SER A 353 7.55 22.64 -3.60
CA SER A 353 8.72 23.17 -4.29
C SER A 353 8.37 24.28 -5.28
N GLY A 354 7.12 24.68 -5.37
CA GLY A 354 6.72 25.70 -6.31
C GLY A 354 6.60 25.27 -7.75
N ARG A 355 6.88 24.00 -8.08
CA ARG A 355 6.67 23.59 -9.48
C ARG A 355 5.19 23.66 -9.85
N GLN A 356 4.29 23.44 -8.89
CA GLN A 356 2.84 23.52 -9.12
C GLN A 356 2.16 24.26 -7.97
N THR A 357 1.08 24.97 -8.28
CA THR A 357 0.24 25.43 -7.19
C THR A 357 -0.40 24.25 -6.46
N VAL A 358 -0.78 24.51 -5.21
CA VAL A 358 -1.55 23.55 -4.42
C VAL A 358 -2.75 23.04 -5.21
N ASP A 359 -3.42 23.92 -5.95
CA ASP A 359 -4.65 23.55 -6.63
C ASP A 359 -4.36 22.65 -7.83
N ALA A 360 -3.38 23.02 -8.66
CA ALA A 360 -3.04 22.15 -9.77
C ALA A 360 -2.51 20.81 -9.30
N ALA A 361 -1.78 20.80 -8.19
CA ALA A 361 -1.14 19.57 -7.76
C ALA A 361 -2.17 18.60 -7.21
N LEU A 362 -3.08 19.10 -6.38
CA LEU A 362 -4.14 18.24 -5.85
C LEU A 362 -5.10 17.80 -6.96
N ALA A 363 -5.36 18.67 -7.93
CA ALA A 363 -6.27 18.27 -9.02
C ALA A 363 -5.69 17.12 -9.83
N ALA A 364 -4.39 17.19 -10.16
CA ALA A 364 -3.76 16.08 -10.87
C ALA A 364 -3.72 14.83 -10.00
N ALA A 365 -3.57 14.98 -8.67
CA ALA A 365 -3.54 13.81 -7.81
C ALA A 365 -4.92 13.18 -7.74
N GLN A 366 -5.96 14.01 -7.60
CA GLN A 366 -7.34 13.50 -7.70
C GLN A 366 -7.51 12.63 -8.93
N THR A 367 -7.12 13.14 -10.09
CA THR A 367 -7.27 12.38 -11.32
C THR A 367 -6.49 11.07 -11.29
N ASN A 368 -5.25 11.10 -10.77
CA ASN A 368 -4.44 9.87 -10.71
C ASN A 368 -5.05 8.82 -9.79
N ALA A 369 -5.52 9.22 -8.59
CA ALA A 369 -6.01 8.26 -7.61
C ALA A 369 -7.44 7.76 -7.89
N ALA A 370 -8.29 8.57 -8.52
CA ALA A 370 -9.66 8.16 -8.77
C ALA A 370 -9.72 7.29 -10.02
N ALA A 371 -10.77 6.47 -10.12
CA ALA A 371 -10.87 5.57 -11.25
C ALA A 371 -11.14 6.35 -12.53
N GLY A 372 -10.54 5.89 -13.62
CA GLY A 372 -10.71 6.49 -14.93
C GLY A 372 -11.64 5.67 -15.80
N GLY A 373 -11.39 5.68 -17.10
CA GLY A 373 -12.14 4.85 -18.02
C GLY A 373 -11.27 3.88 -18.79
N PRO A 374 -11.89 2.96 -19.50
CA PRO A 374 -11.12 2.10 -20.40
C PRO A 374 -10.36 2.94 -21.41
N VAL A 375 -9.38 2.33 -22.07
CA VAL A 375 -8.54 3.04 -23.03
C VAL A 375 -8.62 2.32 -24.37
N GLU A 376 -8.86 3.08 -25.43
CA GLU A 376 -8.82 2.50 -26.77
C GLU A 376 -7.36 2.26 -27.20
N ILE A 377 -7.02 1.00 -27.44
CA ILE A 377 -5.75 0.61 -28.03
C ILE A 377 -5.94 0.58 -29.55
N LEU A 378 -6.83 -0.27 -30.01
CA LEU A 378 -7.33 -0.31 -31.37
C LEU A 378 -8.85 -0.08 -31.36
N PRO A 379 -9.44 0.30 -32.50
CA PRO A 379 -10.89 0.53 -32.52
C PRO A 379 -11.72 -0.61 -31.95
N PHE A 380 -11.23 -1.84 -32.07
CA PHE A 380 -11.92 -3.02 -31.58
C PHE A 380 -11.26 -3.62 -30.34
N LEU A 381 -10.33 -2.91 -29.70
CA LEU A 381 -9.59 -3.49 -28.59
C LEU A 381 -9.38 -2.43 -27.53
N TYR A 382 -9.98 -2.61 -26.36
CA TYR A 382 -9.82 -1.72 -25.23
C TYR A 382 -9.11 -2.43 -24.09
N LEU A 383 -8.59 -1.62 -23.16
CA LEU A 383 -7.76 -2.09 -22.06
C LEU A 383 -8.17 -1.34 -20.80
N GLY A 384 -8.30 -2.05 -19.69
CA GLY A 384 -8.72 -1.38 -18.48
C GLY A 384 -8.76 -2.32 -17.30
N SER A 385 -9.46 -1.89 -16.25
CA SER A 385 -9.41 -2.49 -14.92
C SER A 385 -10.66 -3.33 -14.61
N ALA A 386 -10.57 -4.09 -13.51
CA ALA A 386 -11.71 -4.90 -13.06
C ALA A 386 -12.90 -4.02 -12.71
N TYR A 387 -12.64 -2.84 -12.15
CA TYR A 387 -13.69 -1.87 -11.93
C TYR A 387 -14.48 -1.64 -13.20
N HIS A 388 -13.79 -1.39 -14.32
CA HIS A 388 -14.50 -1.09 -15.56
C HIS A 388 -15.37 -2.25 -16.00
N ALA A 389 -14.91 -3.48 -15.76
CA ALA A 389 -15.63 -4.66 -16.23
C ALA A 389 -16.94 -4.86 -15.50
N SER A 390 -17.22 -4.05 -14.47
CA SER A 390 -18.48 -4.11 -13.77
C SER A 390 -19.45 -2.98 -14.13
N ARG A 391 -19.11 -2.11 -15.09
CA ARG A 391 -19.97 -0.99 -15.51
C ARG A 391 -20.52 -1.30 -16.90
N LYS A 392 -21.67 -1.97 -16.91
CA LYS A 392 -22.26 -2.47 -18.16
C LYS A 392 -22.64 -1.31 -19.09
N ASP A 393 -23.28 -0.27 -18.55
CA ASP A 393 -23.71 0.82 -19.44
C ASP A 393 -22.52 1.50 -20.06
N MET A 394 -21.47 1.72 -19.27
CA MET A 394 -20.28 2.36 -19.79
C MET A 394 -19.63 1.52 -20.89
N LEU A 395 -19.51 0.21 -20.68
CA LEU A 395 -18.99 -0.62 -21.77
C LEU A 395 -19.95 -0.64 -22.96
N ASP A 396 -21.26 -0.73 -22.70
CA ASP A 396 -22.22 -0.72 -23.80
C ASP A 396 -22.09 0.55 -24.62
N ALA A 397 -21.93 1.70 -23.95
CA ALA A 397 -21.73 2.97 -24.67
C ALA A 397 -20.47 2.97 -25.52
N LEU A 398 -19.46 2.18 -25.16
CA LEU A 398 -18.27 2.06 -26.00
C LEU A 398 -18.45 1.06 -27.12
N GLY A 399 -19.53 0.29 -27.12
CA GLY A 399 -19.67 -0.74 -28.13
C GLY A 399 -18.97 -2.03 -27.80
N ILE A 400 -18.61 -2.24 -26.53
CA ILE A 400 -17.98 -3.51 -26.19
C ILE A 400 -18.99 -4.65 -26.32
N THR A 401 -18.61 -5.70 -27.03
CA THR A 401 -19.39 -6.92 -27.10
C THR A 401 -18.71 -8.14 -26.47
N ALA A 402 -17.43 -8.07 -26.12
CA ALA A 402 -16.73 -9.23 -25.55
C ALA A 402 -15.63 -8.77 -24.60
N LEU A 403 -15.41 -9.54 -23.54
CA LEU A 403 -14.39 -9.22 -22.56
C LEU A 403 -13.41 -10.38 -22.42
N ILE A 404 -12.13 -10.04 -22.27
CA ILE A 404 -11.12 -11.00 -21.84
C ILE A 404 -10.82 -10.70 -20.36
N ASN A 405 -11.08 -11.69 -19.53
CA ASN A 405 -11.01 -11.55 -18.08
C ASN A 405 -9.72 -12.22 -17.65
N VAL A 406 -8.68 -11.42 -17.43
CA VAL A 406 -7.37 -11.96 -17.06
C VAL A 406 -7.22 -11.89 -15.56
N SER A 407 -7.78 -12.87 -14.84
CA SER A 407 -7.77 -12.83 -13.38
C SER A 407 -7.97 -14.24 -12.82
N ALA A 408 -7.86 -14.35 -11.50
CA ALA A 408 -8.18 -15.60 -10.81
C ALA A 408 -9.48 -15.54 -10.02
N ASN A 409 -10.00 -14.34 -9.75
CA ASN A 409 -11.15 -14.20 -8.85
C ASN A 409 -12.22 -13.24 -9.35
N CYS A 410 -12.04 -12.60 -10.49
CA CYS A 410 -13.01 -11.61 -10.92
C CYS A 410 -14.14 -12.30 -11.66
N PRO A 411 -15.38 -12.16 -11.21
CA PRO A 411 -16.49 -12.77 -11.95
C PRO A 411 -16.63 -12.16 -13.34
N ASN A 412 -17.19 -12.95 -14.24
CA ASN A 412 -17.83 -12.39 -15.44
C ASN A 412 -19.14 -11.76 -15.00
N HIS A 413 -19.21 -10.44 -14.99
CA HIS A 413 -20.32 -9.79 -14.30
C HIS A 413 -21.63 -9.85 -15.08
N PHE A 414 -21.59 -10.04 -16.39
CA PHE A 414 -22.81 -9.98 -17.22
C PHE A 414 -22.80 -11.11 -18.25
N GLU A 415 -22.75 -12.34 -17.77
CA GLU A 415 -22.72 -13.50 -18.66
C GLU A 415 -24.00 -13.59 -19.46
N GLY A 416 -23.86 -13.91 -20.74
CA GLY A 416 -24.96 -13.92 -21.65
C GLY A 416 -25.16 -12.61 -22.37
N HIS A 417 -24.73 -11.50 -21.78
CA HIS A 417 -24.78 -10.21 -22.46
C HIS A 417 -23.52 -9.92 -23.27
N TYR A 418 -22.36 -10.37 -22.78
CA TYR A 418 -21.10 -10.27 -23.49
C TYR A 418 -20.52 -11.67 -23.65
N GLN A 419 -19.75 -11.88 -24.71
CA GLN A 419 -18.95 -13.08 -24.78
C GLN A 419 -17.75 -12.91 -23.85
N TYR A 420 -17.48 -13.91 -23.02
CA TYR A 420 -16.36 -13.88 -22.09
C TYR A 420 -15.32 -14.92 -22.47
N LYS A 421 -14.05 -14.49 -22.45
CA LYS A 421 -12.90 -15.37 -22.51
C LYS A 421 -12.11 -15.20 -21.21
N SER A 422 -11.96 -16.28 -20.48
CA SER A 422 -11.24 -16.25 -19.23
C SER A 422 -9.78 -16.63 -19.46
N ILE A 423 -8.86 -15.84 -18.93
CA ILE A 423 -7.45 -16.21 -18.82
C ILE A 423 -7.08 -16.18 -17.35
N PRO A 424 -7.12 -17.33 -16.66
CA PRO A 424 -7.01 -17.35 -15.19
C PRO A 424 -5.58 -17.42 -14.67
N VAL A 425 -4.89 -16.28 -14.67
CA VAL A 425 -3.51 -16.18 -14.20
C VAL A 425 -3.43 -15.16 -13.09
N GLU A 426 -2.60 -15.46 -12.10
CA GLU A 426 -2.18 -14.46 -11.12
C GLU A 426 -1.12 -13.54 -11.73
N ASP A 427 -0.90 -12.39 -11.08
CA ASP A 427 0.19 -11.48 -11.46
C ASP A 427 1.43 -11.78 -10.62
N ASN A 428 2.10 -12.90 -10.93
CA ASN A 428 3.34 -13.24 -10.23
C ASN A 428 4.28 -13.94 -11.21
N HIS A 429 5.49 -14.25 -10.72
CA HIS A 429 6.53 -14.76 -11.61
C HIS A 429 6.23 -16.19 -12.05
N LYS A 430 5.48 -16.94 -11.26
CA LYS A 430 5.20 -18.33 -11.57
C LYS A 430 4.18 -18.52 -12.69
N ALA A 431 3.47 -17.46 -13.08
CA ALA A 431 2.29 -17.62 -13.93
C ALA A 431 2.69 -17.69 -15.40
N ASP A 432 2.29 -18.79 -16.06
CA ASP A 432 2.55 -18.97 -17.50
C ASP A 432 1.47 -18.25 -18.29
N ILE A 433 1.65 -16.95 -18.48
CA ILE A 433 0.64 -16.21 -19.23
C ILE A 433 0.83 -16.33 -20.75
N SER A 434 2.03 -16.63 -21.23
CA SER A 434 2.24 -16.72 -22.68
C SER A 434 1.63 -18.00 -23.26
N SER A 435 1.43 -19.03 -22.45
CA SER A 435 0.73 -20.20 -22.99
C SER A 435 -0.73 -19.93 -23.30
N TRP A 436 -1.25 -18.74 -22.98
CA TRP A 436 -2.59 -18.32 -23.39
C TRP A 436 -2.57 -17.33 -24.55
N PHE A 437 -1.40 -16.99 -25.06
CA PHE A 437 -1.30 -15.92 -26.05
C PHE A 437 -2.10 -16.26 -27.30
N ASN A 438 -1.90 -17.46 -27.84
CA ASN A 438 -2.57 -17.86 -29.09
C ASN A 438 -4.08 -17.85 -28.93
N GLU A 439 -4.56 -18.55 -27.90
CA GLU A 439 -6.00 -18.63 -27.66
C GLU A 439 -6.60 -17.23 -27.53
N ALA A 440 -5.94 -16.35 -26.79
CA ALA A 440 -6.45 -14.99 -26.61
C ALA A 440 -6.38 -14.19 -27.92
N ILE A 441 -5.34 -14.40 -28.73
CA ILE A 441 -5.23 -13.69 -30.00
C ILE A 441 -6.35 -14.13 -30.97
N ASP A 442 -6.72 -15.41 -30.93
CA ASP A 442 -7.79 -15.86 -31.82
C ASP A 442 -9.13 -15.30 -31.40
N PHE A 443 -9.39 -15.29 -30.08
CA PHE A 443 -10.62 -14.67 -29.57
C PHE A 443 -10.75 -13.23 -30.06
N ILE A 444 -9.68 -12.44 -29.94
CA ILE A 444 -9.78 -11.05 -30.35
C ILE A 444 -10.06 -10.95 -31.85
N ASP A 445 -9.38 -11.77 -32.65
CA ASP A 445 -9.64 -11.74 -34.09
C ASP A 445 -11.06 -12.22 -34.39
N SER A 446 -11.48 -13.30 -33.74
CA SER A 446 -12.85 -13.79 -33.90
C SER A 446 -13.88 -12.68 -33.68
N ILE A 447 -13.80 -11.98 -32.54
CA ILE A 447 -14.74 -10.91 -32.24
C ILE A 447 -14.64 -9.79 -33.28
N LYS A 448 -13.40 -9.43 -33.64
CA LYS A 448 -13.18 -8.35 -34.60
C LYS A 448 -13.84 -8.64 -35.94
N ASN A 449 -13.75 -9.89 -36.41
CA ASN A 449 -14.30 -10.23 -37.70
C ASN A 449 -15.83 -10.22 -37.68
N ALA A 450 -16.44 -10.53 -36.54
CA ALA A 450 -17.89 -10.42 -36.39
C ALA A 450 -18.34 -8.99 -36.14
N GLY A 451 -17.46 -8.02 -36.27
CA GLY A 451 -17.84 -6.62 -36.09
C GLY A 451 -17.92 -6.13 -34.66
N GLY A 452 -17.53 -6.93 -33.67
CA GLY A 452 -17.56 -6.51 -32.28
C GLY A 452 -16.27 -5.86 -31.79
N ARG A 453 -16.20 -5.70 -30.46
CA ARG A 453 -15.12 -5.00 -29.78
C ARG A 453 -14.79 -5.73 -28.49
N VAL A 454 -13.50 -5.93 -28.22
CA VAL A 454 -13.03 -6.67 -27.05
C VAL A 454 -12.52 -5.68 -26.02
N PHE A 455 -12.92 -5.88 -24.76
CA PHE A 455 -12.37 -5.15 -23.64
C PHE A 455 -11.52 -6.14 -22.83
N VAL A 456 -10.23 -5.84 -22.68
CA VAL A 456 -9.30 -6.73 -21.99
C VAL A 456 -9.01 -6.13 -20.62
N HIS A 457 -9.20 -6.93 -19.58
CA HIS A 457 -9.05 -6.35 -18.25
C HIS A 457 -8.34 -7.28 -17.29
N SER A 458 -7.72 -6.67 -16.28
CA SER A 458 -7.18 -7.32 -15.11
C SER A 458 -7.39 -6.37 -13.95
N GLN A 459 -6.98 -6.79 -12.75
CA GLN A 459 -7.36 -6.07 -11.53
C GLN A 459 -7.12 -4.57 -11.64
N ALA A 460 -5.88 -4.16 -11.95
CA ALA A 460 -5.53 -2.76 -12.11
C ALA A 460 -5.36 -2.32 -13.56
N GLY A 461 -5.47 -3.23 -14.52
CA GLY A 461 -5.15 -2.86 -15.89
C GLY A 461 -3.72 -2.40 -16.09
N ILE A 462 -2.74 -3.05 -15.44
CA ILE A 462 -1.35 -2.62 -15.45
C ILE A 462 -0.43 -3.70 -16.01
N SER A 463 -0.48 -4.92 -15.45
CA SER A 463 0.42 -5.99 -15.85
C SER A 463 -0.27 -7.05 -16.71
N ARG A 464 -1.22 -7.81 -16.16
CA ARG A 464 -1.74 -8.99 -16.88
C ARG A 464 -2.44 -8.60 -18.18
N SER A 465 -3.39 -7.65 -18.12
CA SER A 465 -4.15 -7.34 -19.33
C SER A 465 -3.30 -6.61 -20.36
N ALA A 466 -2.36 -5.77 -19.90
CA ALA A 466 -1.47 -5.12 -20.86
C ALA A 466 -0.63 -6.14 -21.61
N THR A 467 -0.15 -7.16 -20.91
CA THR A 467 0.63 -8.21 -21.55
C THR A 467 -0.13 -8.87 -22.68
N ILE A 468 -1.43 -9.12 -22.48
CA ILE A 468 -2.27 -9.70 -23.53
C ILE A 468 -2.40 -8.75 -24.71
N CYS A 469 -2.63 -7.47 -24.45
CA CYS A 469 -2.66 -6.51 -25.56
C CYS A 469 -1.32 -6.45 -26.30
N LEU A 470 -0.21 -6.40 -25.56
CA LEU A 470 1.10 -6.29 -26.22
C LEU A 470 1.35 -7.49 -27.12
N ALA A 471 1.08 -8.71 -26.61
CA ALA A 471 1.23 -9.90 -27.45
C ALA A 471 0.35 -9.82 -28.69
N TYR A 472 -0.86 -9.27 -28.56
CA TYR A 472 -1.74 -9.17 -29.74
C TYR A 472 -1.12 -8.24 -30.78
N LEU A 473 -0.68 -7.05 -30.37
CA LEU A 473 -0.05 -6.15 -31.34
C LEU A 473 1.17 -6.77 -31.99
N MET A 474 1.90 -7.63 -31.26
CA MET A 474 3.13 -8.18 -31.78
C MET A 474 2.87 -9.24 -32.85
N ARG A 475 2.03 -10.25 -32.54
CA ARG A 475 1.72 -11.27 -33.55
C ARG A 475 0.99 -10.67 -34.72
N THR A 476 0.10 -9.71 -34.45
CA THR A 476 -0.80 -9.20 -35.48
C THR A 476 -0.13 -8.17 -36.38
N ASN A 477 0.92 -7.51 -35.91
CA ASN A 477 1.63 -6.56 -36.75
C ASN A 477 3.03 -7.03 -37.09
N ARG A 478 3.46 -8.17 -36.57
CA ARG A 478 4.84 -8.62 -36.64
C ARG A 478 5.78 -7.45 -36.33
N VAL A 479 5.65 -6.95 -35.09
CA VAL A 479 6.49 -5.86 -34.60
C VAL A 479 7.14 -6.32 -33.30
N LYS A 480 8.19 -5.61 -32.90
CA LYS A 480 8.96 -5.96 -31.72
C LYS A 480 8.25 -5.47 -30.47
N LEU A 481 8.60 -6.10 -29.33
CA LEU A 481 7.98 -5.74 -28.05
C LEU A 481 8.15 -4.25 -27.74
N ASP A 482 9.35 -3.71 -27.96
CA ASP A 482 9.52 -2.31 -27.57
C ASP A 482 8.67 -1.36 -28.41
N GLU A 483 8.27 -1.77 -29.62
CA GLU A 483 7.36 -0.95 -30.41
C GLU A 483 5.92 -1.06 -29.89
N ALA A 484 5.46 -2.30 -29.66
CA ALA A 484 4.15 -2.48 -29.04
C ALA A 484 4.06 -1.73 -27.71
N PHE A 485 5.12 -1.84 -26.89
CA PHE A 485 5.14 -1.23 -25.57
C PHE A 485 4.98 0.28 -25.67
N GLU A 486 5.72 0.90 -26.58
CA GLU A 486 5.61 2.34 -26.76
C GLU A 486 4.20 2.72 -27.19
N PHE A 487 3.56 1.89 -28.01
CA PHE A 487 2.24 2.19 -28.52
C PHE A 487 1.21 2.21 -27.38
N VAL A 488 1.12 1.11 -26.64
CA VAL A 488 0.19 1.06 -25.52
C VAL A 488 0.53 2.14 -24.49
N LYS A 489 1.81 2.26 -24.12
CA LYS A 489 2.20 3.18 -23.04
C LYS A 489 1.79 4.62 -23.34
N GLN A 490 1.74 5.02 -24.60
CA GLN A 490 1.34 6.39 -24.89
C GLN A 490 -0.15 6.58 -24.71
N ARG A 491 -0.92 5.49 -24.73
CA ARG A 491 -2.36 5.54 -24.53
C ARG A 491 -2.75 5.27 -23.09
N ARG A 492 -1.96 4.49 -22.34
CA ARG A 492 -2.24 4.12 -20.95
C ARG A 492 -0.90 4.06 -20.24
N SER A 493 -0.50 5.19 -19.65
CA SER A 493 0.87 5.39 -19.24
C SER A 493 1.29 4.45 -18.12
N ILE A 494 0.36 3.92 -17.33
CA ILE A 494 0.72 3.10 -16.18
C ILE A 494 1.03 1.64 -16.51
N ILE A 495 0.91 1.21 -17.76
CA ILE A 495 1.03 -0.22 -18.02
C ILE A 495 2.44 -0.69 -17.71
N SER A 496 2.53 -1.84 -17.07
CA SER A 496 3.81 -2.37 -16.69
C SER A 496 3.70 -3.87 -16.44
N PRO A 497 3.90 -4.68 -17.47
CA PRO A 497 3.98 -6.14 -17.27
C PRO A 497 5.03 -6.46 -16.22
N ASN A 498 4.79 -7.50 -15.42
CA ASN A 498 5.76 -7.83 -14.40
C ASN A 498 7.02 -8.42 -15.04
N PHE A 499 8.06 -8.56 -14.22
CA PHE A 499 9.38 -8.91 -14.74
C PHE A 499 9.35 -10.22 -15.52
N SER A 500 8.71 -11.24 -14.96
CA SER A 500 8.60 -12.50 -15.68
C SER A 500 7.76 -12.37 -16.95
N PHE A 501 6.71 -11.53 -16.93
CA PHE A 501 5.91 -11.35 -18.15
C PHE A 501 6.71 -10.66 -19.24
N MET A 502 7.57 -9.69 -18.89
CA MET A 502 8.40 -9.06 -19.92
C MET A 502 9.32 -10.08 -20.56
N GLY A 503 9.80 -11.05 -19.78
CA GLY A 503 10.58 -12.12 -20.38
C GLY A 503 9.76 -12.98 -21.31
N GLN A 504 8.54 -13.36 -20.87
CA GLN A 504 7.68 -14.18 -21.72
C GLN A 504 7.30 -13.43 -22.99
N LEU A 505 7.12 -12.12 -22.91
CA LEU A 505 6.84 -11.34 -24.11
C LEU A 505 8.04 -11.31 -25.05
N LEU A 506 9.26 -11.30 -24.51
CA LEU A 506 10.45 -11.28 -25.36
C LEU A 506 10.65 -12.62 -26.05
N GLN A 507 10.45 -13.74 -25.33
CA GLN A 507 10.43 -15.05 -25.99
C GLN A 507 9.44 -15.06 -27.13
N PHE A 508 8.21 -14.58 -26.87
CA PHE A 508 7.19 -14.52 -27.90
C PHE A 508 7.62 -13.66 -29.08
N GLU A 509 8.45 -12.65 -28.82
CA GLU A 509 8.88 -11.76 -29.88
C GLU A 509 9.66 -12.51 -30.94
N SER A 510 10.60 -13.36 -30.52
CA SER A 510 11.44 -14.05 -31.49
C SER A 510 10.71 -15.20 -32.16
N GLN A 511 9.59 -15.67 -31.60
CA GLN A 511 8.77 -16.63 -32.31
C GLN A 511 8.02 -15.98 -33.46
N VAL A 512 7.29 -14.88 -33.20
CA VAL A 512 6.51 -14.24 -34.24
C VAL A 512 7.37 -13.55 -35.29
N LEU A 513 8.66 -13.41 -35.05
CA LEU A 513 9.57 -12.89 -36.06
C LEU A 513 10.56 -13.97 -36.48
N ALA A 514 10.04 -15.16 -36.78
CA ALA A 514 10.87 -16.27 -37.25
C ALA A 514 10.16 -17.02 -38.37
N SER B 5 11.68 -7.58 0.53
CA SER B 5 11.86 -6.14 0.74
C SER B 5 12.18 -5.38 -0.56
N VAL B 6 13.40 -5.55 -1.06
CA VAL B 6 13.90 -4.82 -2.23
C VAL B 6 13.90 -5.81 -3.40
N PRO B 7 13.79 -5.35 -4.65
CA PRO B 7 13.93 -6.26 -5.79
C PRO B 7 15.33 -6.87 -5.85
N THR B 8 15.46 -7.91 -6.68
CA THR B 8 16.67 -8.72 -6.72
C THR B 8 17.23 -8.96 -8.12
N ASN B 9 16.48 -8.67 -9.19
CA ASN B 9 16.96 -8.83 -10.55
C ASN B 9 16.66 -7.55 -11.32
N LEU B 10 17.59 -7.14 -12.18
CA LEU B 10 17.46 -5.89 -12.91
C LEU B 10 18.09 -6.04 -14.28
N GLU B 11 17.30 -5.85 -15.33
CA GLU B 11 17.80 -6.06 -16.69
C GLU B 11 17.37 -4.93 -17.61
N VAL B 12 18.08 -4.83 -18.72
CA VAL B 12 17.67 -4.01 -19.85
C VAL B 12 16.88 -4.91 -20.78
N VAL B 13 15.69 -4.48 -21.19
CA VAL B 13 14.90 -5.31 -22.09
C VAL B 13 14.82 -4.73 -23.49
N ALA B 14 15.17 -3.46 -23.67
CA ALA B 14 15.21 -2.85 -24.99
C ALA B 14 16.14 -1.66 -24.90
N ALA B 15 16.70 -1.28 -26.04
CA ALA B 15 17.73 -0.28 -26.05
C ALA B 15 17.67 0.47 -27.36
N THR B 16 17.99 1.75 -27.32
CA THR B 16 18.32 2.51 -28.51
C THR B 16 19.69 3.10 -28.21
N PRO B 17 20.37 3.75 -29.15
CA PRO B 17 21.68 4.35 -28.82
C PRO B 17 21.63 5.33 -27.64
N THR B 18 20.48 5.93 -27.35
CA THR B 18 20.40 6.93 -26.27
C THR B 18 19.41 6.58 -25.18
N SER B 19 18.91 5.34 -25.10
CA SER B 19 17.84 5.07 -24.15
C SER B 19 17.79 3.59 -23.81
N LEU B 20 17.29 3.30 -22.61
CA LEU B 20 17.21 1.94 -22.11
C LEU B 20 15.83 1.73 -21.50
N LEU B 21 15.21 0.59 -21.82
CA LEU B 21 14.02 0.14 -21.14
C LEU B 21 14.44 -0.93 -20.14
N ILE B 22 14.33 -0.63 -18.85
CA ILE B 22 14.76 -1.55 -17.82
C ILE B 22 13.54 -2.22 -17.17
N SER B 23 13.83 -3.32 -16.47
CA SER B 23 12.83 -4.10 -15.76
C SER B 23 13.47 -4.69 -14.51
N TRP B 24 12.73 -4.73 -13.42
CA TRP B 24 13.20 -5.32 -12.17
C TRP B 24 12.10 -6.21 -11.62
N ASP B 25 12.47 -7.16 -10.76
CA ASP B 25 11.44 -8.07 -10.25
C ASP B 25 10.82 -7.42 -9.03
N ALA B 26 9.82 -6.58 -9.30
CA ALA B 26 9.09 -5.88 -8.25
C ALA B 26 8.30 -6.83 -7.39
N TYR B 27 7.84 -7.95 -7.96
CA TYR B 27 6.99 -8.90 -7.22
C TYR B 27 7.65 -9.36 -5.93
N SER B 28 8.97 -9.23 -5.82
CA SER B 28 9.74 -9.66 -4.65
C SER B 28 9.78 -8.61 -3.54
N SER B 29 9.39 -7.37 -3.83
CA SER B 29 9.25 -6.36 -2.79
C SER B 29 7.89 -6.51 -2.09
N SER B 30 7.88 -6.28 -0.78
CA SER B 30 6.65 -6.40 0.02
C SER B 30 5.59 -5.39 -0.45
N TYR B 31 4.36 -5.56 0.06
CA TYR B 31 3.25 -4.65 -0.27
C TYR B 31 3.44 -3.26 0.33
N TYR B 32 4.35 -3.12 1.30
CA TYR B 32 4.73 -1.84 1.88
C TYR B 32 5.34 -0.87 0.87
N VAL B 33 5.67 -1.29 -0.34
CA VAL B 33 6.53 -0.53 -1.24
C VAL B 33 5.65 0.22 -2.22
N TYR B 34 5.70 1.55 -2.20
CA TYR B 34 4.81 2.38 -3.00
C TYR B 34 5.51 3.18 -4.10
N TYR B 35 6.82 3.16 -4.19
CA TYR B 35 7.48 3.69 -5.36
C TYR B 35 8.84 3.04 -5.48
N TYR B 36 9.45 3.18 -6.66
CA TYR B 36 10.84 2.84 -6.87
C TYR B 36 11.55 4.09 -7.32
N ARG B 37 12.78 4.29 -6.84
CA ARG B 37 13.64 5.35 -7.34
C ARG B 37 14.72 4.73 -8.22
N ILE B 38 14.86 5.27 -9.43
CA ILE B 38 15.85 4.83 -10.39
C ILE B 38 16.95 5.89 -10.44
N THR B 39 18.21 5.46 -10.27
CA THR B 39 19.35 6.35 -10.51
C THR B 39 20.22 5.79 -11.63
N TYR B 40 20.87 6.71 -12.33
CA TYR B 40 21.80 6.32 -13.37
C TYR B 40 22.89 7.38 -13.48
N GLY B 41 24.09 6.91 -13.80
CA GLY B 41 25.23 7.79 -14.00
C GLY B 41 26.33 7.07 -14.73
N GLU B 42 27.14 7.84 -15.46
CA GLU B 42 28.36 7.30 -16.07
C GLU B 42 29.20 6.56 -15.04
N THR B 43 29.45 5.27 -15.31
CA THR B 43 30.30 4.48 -14.44
C THR B 43 31.70 5.07 -14.37
N GLY B 44 32.17 5.33 -13.14
CA GLY B 44 33.45 5.98 -12.94
C GLY B 44 33.45 7.46 -13.18
N GLY B 45 32.28 8.06 -13.36
CA GLY B 45 32.22 9.47 -13.65
C GLY B 45 32.22 10.34 -12.40
N ASN B 46 32.39 11.62 -12.64
CA ASN B 46 32.48 12.63 -11.59
C ASN B 46 31.11 13.12 -11.18
N SER B 47 30.20 13.18 -12.14
CA SER B 47 28.94 13.88 -11.98
C SER B 47 28.02 13.11 -11.02
N PRO B 48 27.14 13.82 -10.29
CA PRO B 48 26.12 13.12 -9.52
C PRO B 48 25.14 12.40 -10.44
N VAL B 49 24.64 11.27 -9.95
CA VAL B 49 23.67 10.51 -10.72
C VAL B 49 22.41 11.34 -10.96
N GLN B 50 21.74 11.06 -12.06
CA GLN B 50 20.39 11.53 -12.25
C GLN B 50 19.40 10.53 -11.66
N GLU B 51 18.22 11.02 -11.29
CA GLU B 51 17.26 10.13 -10.67
C GLU B 51 15.83 10.61 -10.90
N PHE B 52 14.92 9.64 -10.97
CA PHE B 52 13.49 9.88 -10.95
C PHE B 52 12.83 8.73 -10.18
N THR B 53 11.56 8.89 -9.87
CA THR B 53 10.79 7.85 -9.22
C THR B 53 9.67 7.36 -10.14
N VAL B 54 9.18 6.16 -9.84
CA VAL B 54 8.01 5.61 -10.52
C VAL B 54 7.12 4.96 -9.47
N PRO B 55 5.83 4.78 -9.78
CA PRO B 55 4.91 4.10 -8.86
C PRO B 55 5.37 2.69 -8.51
N GLY B 56 5.10 2.28 -7.27
CA GLY B 56 5.39 0.93 -6.81
C GLY B 56 4.75 -0.18 -7.61
N SER B 57 3.75 0.14 -8.44
CA SER B 57 3.10 -0.86 -9.28
C SER B 57 3.83 -1.06 -10.60
N LYS B 58 4.82 -0.22 -10.90
CA LYS B 58 5.62 -0.40 -12.11
C LYS B 58 6.70 -1.45 -11.87
N SER B 59 7.01 -2.20 -12.92
CA SER B 59 8.17 -3.08 -13.00
C SER B 59 9.09 -2.69 -14.14
N THR B 60 8.83 -1.54 -14.78
CA THR B 60 9.47 -1.12 -16.00
C THR B 60 9.72 0.37 -15.91
N ALA B 61 10.72 0.86 -16.63
CA ALA B 61 10.96 2.29 -16.72
C ALA B 61 11.86 2.56 -17.90
N THR B 62 11.72 3.74 -18.48
CA THR B 62 12.60 4.20 -19.55
C THR B 62 13.59 5.23 -19.03
N ILE B 63 14.87 5.02 -19.32
CA ILE B 63 15.94 5.98 -19.08
C ILE B 63 16.34 6.53 -20.45
N SER B 64 16.28 7.84 -20.62
CA SER B 64 16.49 8.41 -21.95
C SER B 64 17.47 9.57 -21.88
N GLY B 65 17.83 10.10 -23.05
CA GLY B 65 18.86 11.15 -23.10
C GLY B 65 20.28 10.72 -22.69
N LEU B 66 20.65 9.47 -22.92
CA LEU B 66 21.97 9.00 -22.57
C LEU B 66 22.96 9.27 -23.70
N LYS B 67 24.27 9.29 -23.34
CA LYS B 67 25.29 9.36 -24.38
C LYS B 67 25.51 7.98 -24.99
N PRO B 68 25.79 7.93 -26.29
CA PRO B 68 26.02 6.63 -26.95
C PRO B 68 27.39 6.06 -26.65
N GLY B 69 27.45 4.74 -26.50
CA GLY B 69 28.69 4.06 -26.19
C GLY B 69 29.28 4.35 -24.83
N VAL B 70 28.46 4.63 -23.82
CA VAL B 70 28.96 4.94 -22.48
C VAL B 70 28.42 3.92 -21.49
N ASP B 71 29.25 3.57 -20.52
CA ASP B 71 28.86 2.63 -19.48
C ASP B 71 28.12 3.39 -18.39
N TYR B 72 26.90 2.97 -18.11
CA TYR B 72 26.11 3.54 -17.04
C TYR B 72 25.95 2.54 -15.90
N THR B 73 26.01 3.05 -14.68
CA THR B 73 25.56 2.35 -13.48
C THR B 73 24.10 2.71 -13.21
N ILE B 74 23.23 1.69 -13.19
CA ILE B 74 21.78 1.86 -13.02
C ILE B 74 21.38 1.23 -11.69
N THR B 75 20.72 2.00 -10.84
CA THR B 75 20.33 1.52 -9.53
C THR B 75 18.83 1.67 -9.32
N VAL B 76 18.21 0.66 -8.71
CA VAL B 76 16.81 0.70 -8.36
C VAL B 76 16.70 0.59 -6.84
N TYR B 77 16.09 1.60 -6.20
CA TYR B 77 15.75 1.58 -4.79
C TYR B 77 14.24 1.37 -4.57
N ALA B 78 13.91 0.67 -3.51
CA ALA B 78 12.54 0.52 -3.05
C ALA B 78 12.19 1.65 -2.09
N GLY B 79 10.92 2.07 -2.15
CA GLY B 79 10.36 3.10 -1.28
C GLY B 79 9.20 2.59 -0.45
N HIS B 80 9.33 2.72 0.86
CA HIS B 80 8.39 2.20 1.84
C HIS B 80 7.35 3.27 2.20
N TYR B 81 6.10 2.86 2.42
CA TYR B 81 5.05 3.86 2.59
C TYR B 81 5.17 4.61 3.92
N LEU B 82 5.95 4.10 4.85
CA LEU B 82 6.19 4.75 6.14
C LEU B 82 7.59 5.32 6.24
N TYR B 83 8.63 4.49 6.01
CA TYR B 83 10.01 4.92 6.19
C TYR B 83 10.54 5.68 4.99
N GLY B 84 9.99 5.44 3.81
CA GLY B 84 10.53 6.08 2.63
C GLY B 84 11.64 5.26 2.02
N LEU B 85 12.68 5.93 1.53
CA LEU B 85 13.71 5.26 0.76
C LEU B 85 14.42 4.21 1.60
N LEU B 86 14.48 2.99 1.10
CA LEU B 86 15.12 1.86 1.76
C LEU B 86 16.52 1.67 1.22
N SER B 87 17.28 0.81 1.89
CA SER B 87 18.66 0.50 1.55
C SER B 87 18.74 -0.75 0.68
N SER B 88 19.97 -1.21 0.45
CA SER B 88 20.28 -2.42 -0.30
C SER B 88 19.68 -2.33 -1.70
N PRO B 89 19.95 -1.28 -2.44
CA PRO B 89 19.40 -1.20 -3.79
C PRO B 89 20.07 -2.23 -4.67
N ILE B 90 19.51 -2.40 -5.86
CA ILE B 90 20.01 -3.34 -6.84
C ILE B 90 20.61 -2.53 -7.98
N SER B 91 21.73 -3.00 -8.53
CA SER B 91 22.38 -2.20 -9.56
C SER B 91 23.02 -3.08 -10.62
N ILE B 92 23.17 -2.52 -11.81
CA ILE B 92 23.86 -3.18 -12.91
C ILE B 92 24.67 -2.13 -13.62
N ASN B 93 25.63 -2.61 -14.41
CA ASN B 93 26.39 -1.78 -15.32
C ASN B 93 25.97 -2.14 -16.72
N TYR B 94 25.68 -1.14 -17.54
CA TYR B 94 25.18 -1.40 -18.89
C TYR B 94 25.61 -0.27 -19.81
N ARG B 95 26.02 -0.65 -21.01
CA ARG B 95 26.64 0.28 -21.94
C ARG B 95 25.69 0.53 -23.08
N THR B 96 25.49 1.80 -23.41
CA THR B 96 24.56 2.15 -24.47
C THR B 96 25.21 1.91 -25.85
#